data_4UTX
#
_entry.id   4UTX
#
_cell.length_a   87.490
_cell.length_b   87.490
_cell.length_c   313.790
_cell.angle_alpha   90.00
_cell.angle_beta   90.00
_cell.angle_gamma   120.00
#
_symmetry.space_group_name_H-M   'P 65 2 2'
#
loop_
_entity.id
_entity.type
_entity.pdbx_description
1 polymer 'NAD-DEPENDENT PROTEIN DEACYLASE SIRTUIN-5, MITOCHONDRIAL'
2 polymer 'CARBAMOYLPHOSPHATE SYNTHETASE I'
3 non-polymer 'ZINC ION'
4 non-polymer 1,2-ETHANEDIOL
5 non-polymer '4-(2-HYDROXYETHYL)-1-PIPERAZINE ETHANESULFONIC ACID'
6 non-polymer 'DIMETHYL SULFOXIDE'
7 non-polymer 'SODIUM ION'
8 non-polymer '3-NITROPROPANOIC ACID'
9 water water
#
loop_
_entity_poly.entity_id
_entity_poly.type
_entity_poly.pdbx_seq_one_letter_code
_entity_poly.pdbx_strand_id
1 'polypeptide(L)'
;GIDPFTTRPSSDLTAFREHFAKAKHIAIITGAGVSAESGVPTFRGPGGFWRKWQAQDLATPEAFSRDPSLVWEFYHYRRE
VMRSKMPNPAHLAIAECEARLGQQGRSVVIITQNIDELHHRAGSKHVYEIHGSLFKTRCMSCGEVKANHKSPICPALDGK
GAPDPNTKEARIPVELLPRCERKSCNGLLRPHVVWFGETLDSDILTAVERELEKCDLCLVVGTSSIVYPAAMFAPQVASR
GVPVAEFNMECTPATQRFKYHFEGPCGSTLPPALE
;
A,B
2 'polypeptide(L)' (BEZ)GVLKEYGV C
#
# COMPACT_ATOMS: atom_id res chain seq x y z
N ASP A 12 -5.53 -26.77 0.03
CA ASP A 12 -5.54 -26.71 -1.46
C ASP A 12 -6.00 -25.34 -1.98
N LEU A 13 -5.03 -24.58 -2.48
CA LEU A 13 -5.25 -23.24 -3.02
C LEU A 13 -6.27 -23.22 -4.18
N THR A 14 -6.18 -24.17 -5.10
CA THR A 14 -7.04 -24.13 -6.29
C THR A 14 -8.49 -24.34 -5.89
N ALA A 15 -8.68 -25.15 -4.84
CA ALA A 15 -10.01 -25.38 -4.28
C ALA A 15 -10.62 -24.07 -3.77
N PHE A 16 -9.81 -23.36 -3.00
CA PHE A 16 -10.19 -22.06 -2.51
C PHE A 16 -10.51 -21.07 -3.67
N ARG A 17 -9.65 -20.99 -4.67
CA ARG A 17 -9.87 -20.04 -5.74
C ARG A 17 -11.17 -20.33 -6.44
N GLU A 18 -11.52 -21.60 -6.53
CA GLU A 18 -12.79 -21.98 -7.11
C GLU A 18 -13.96 -21.39 -6.35
N HIS A 19 -13.84 -21.27 -5.04
CA HIS A 19 -14.88 -20.60 -4.30
C HIS A 19 -14.84 -19.14 -4.57
N PHE A 20 -13.64 -18.62 -4.43
CA PHE A 20 -13.38 -17.23 -4.64
C PHE A 20 -14.10 -16.78 -5.92
N ALA A 21 -13.95 -17.56 -6.98
CA ALA A 21 -14.56 -17.25 -8.26
C ALA A 21 -16.03 -17.00 -8.12
N LYS A 22 -16.70 -17.83 -7.35
CA LYS A 22 -18.15 -17.79 -7.31
C LYS A 22 -18.62 -16.66 -6.42
N ALA A 23 -17.88 -16.39 -5.36
CA ALA A 23 -18.32 -15.46 -4.32
C ALA A 23 -18.90 -14.15 -4.82
N LYS A 24 -20.05 -13.79 -4.26
CA LYS A 24 -20.65 -12.51 -4.55
C LYS A 24 -20.63 -11.53 -3.37
N HIS A 25 -20.58 -12.06 -2.15
CA HIS A 25 -20.50 -11.22 -0.97
C HIS A 25 -19.42 -11.81 -0.06
N ILE A 26 -18.27 -11.15 -0.03
CA ILE A 26 -17.13 -11.60 0.71
C ILE A 26 -16.84 -10.72 1.94
N ALA A 27 -16.60 -11.35 3.07
CA ALA A 27 -16.28 -10.62 4.25
C ALA A 27 -14.93 -11.04 4.74
N ILE A 28 -14.15 -10.07 5.17
CA ILE A 28 -12.81 -10.28 5.56
C ILE A 28 -12.62 -9.71 6.91
N ILE A 29 -12.27 -10.57 7.84
CA ILE A 29 -12.03 -10.17 9.22
C ILE A 29 -10.52 -10.14 9.40
N THR A 30 -10.02 -9.09 10.03
CA THR A 30 -8.60 -8.90 10.17
C THR A 30 -8.16 -8.59 11.61
N GLY A 31 -7.12 -9.30 12.07
CA GLY A 31 -6.59 -9.16 13.45
C GLY A 31 -5.23 -8.54 13.40
N ALA A 32 -4.50 -8.56 14.51
CA ALA A 32 -3.27 -7.79 14.57
C ALA A 32 -2.11 -8.39 13.78
N GLY A 33 -2.25 -9.64 13.38
CA GLY A 33 -1.24 -10.24 12.52
C GLY A 33 -0.84 -9.34 11.35
N VAL A 34 -1.82 -8.61 10.84
CA VAL A 34 -1.61 -7.88 9.59
C VAL A 34 -1.03 -6.52 9.86
N SER A 35 -1.43 -5.92 10.97
CA SER A 35 -0.89 -4.65 11.36
C SER A 35 0.53 -4.85 11.88
N ALA A 36 0.77 -6.05 12.43
CA ALA A 36 2.10 -6.47 12.85
C ALA A 36 3.02 -6.54 11.63
N GLU A 37 2.60 -7.17 10.56
CA GLU A 37 3.41 -7.23 9.36
C GLU A 37 3.80 -5.88 8.76
N SER A 38 3.13 -4.81 9.15
CA SER A 38 3.51 -3.48 8.67
C SER A 38 4.37 -2.82 9.71
N GLY A 39 4.77 -3.59 10.69
CA GLY A 39 5.67 -3.11 11.72
C GLY A 39 5.03 -2.23 12.76
N VAL A 40 3.81 -2.56 13.18
CA VAL A 40 3.11 -1.78 14.15
C VAL A 40 3.11 -2.53 15.46
N PRO A 41 3.58 -1.85 16.51
CA PRO A 41 3.56 -2.45 17.86
C PRO A 41 2.16 -2.74 18.39
N THR A 42 1.91 -3.93 18.91
CA THR A 42 0.64 -4.16 19.62
C THR A 42 0.84 -4.07 21.13
N PHE A 43 2.08 -4.07 21.62
CA PHE A 43 2.35 -3.94 23.07
C PHE A 43 1.74 -5.03 23.96
N ARG A 44 1.76 -6.28 23.47
CA ARG A 44 1.19 -7.45 24.19
C ARG A 44 2.05 -8.73 24.09
N GLY A 45 2.31 -9.37 25.23
CA GLY A 45 3.18 -10.55 25.23
C GLY A 45 4.65 -10.14 25.19
N PRO A 46 5.56 -11.08 24.89
CA PRO A 46 6.99 -10.76 25.08
C PRO A 46 7.49 -9.52 24.30
N GLY A 47 8.22 -8.67 25.00
CA GLY A 47 8.88 -7.53 24.39
C GLY A 47 7.98 -6.49 23.75
N GLY A 48 6.70 -6.50 24.10
CA GLY A 48 5.81 -5.39 23.78
C GLY A 48 5.60 -4.55 25.02
N PHE A 49 6.60 -3.73 25.37
CA PHE A 49 6.46 -2.76 26.45
C PHE A 49 6.45 -1.38 25.88
N TRP A 50 5.89 -0.45 26.62
CA TRP A 50 6.06 0.95 26.37
C TRP A 50 6.48 1.51 27.69
N ARG A 51 7.71 2.01 27.75
CA ARG A 51 8.27 2.39 29.02
C ARG A 51 8.03 1.17 29.92
N LYS A 52 7.51 1.37 31.13
CA LYS A 52 7.39 0.25 32.08
C LYS A 52 6.14 -0.58 31.85
N TRP A 53 5.27 -0.16 30.93
CA TRP A 53 3.93 -0.75 30.83
C TRP A 53 3.62 -1.52 29.58
N GLN A 54 2.54 -2.28 29.68
CA GLN A 54 1.95 -2.91 28.54
C GLN A 54 0.58 -2.33 28.35
N ALA A 55 0.05 -2.56 27.17
CA ALA A 55 -1.31 -2.16 26.84
C ALA A 55 -2.31 -2.34 27.98
N GLN A 56 -2.45 -3.58 28.47
CA GLN A 56 -3.48 -3.95 29.44
C GLN A 56 -3.48 -2.96 30.58
N ASP A 57 -2.30 -2.49 30.96
CA ASP A 57 -2.18 -1.51 32.03
C ASP A 57 -2.79 -0.19 31.61
N LEU A 58 -2.49 0.25 30.39
CA LEU A 58 -2.81 1.63 30.00
C LEU A 58 -4.08 1.85 29.19
N ALA A 59 -4.52 0.81 28.48
CA ALA A 59 -5.65 0.94 27.59
C ALA A 59 -6.98 0.68 28.31
N THR A 60 -7.22 1.39 29.41
CA THR A 60 -8.40 1.17 30.23
C THR A 60 -8.97 2.51 30.64
N PRO A 61 -10.24 2.53 31.04
CA PRO A 61 -10.81 3.81 31.44
C PRO A 61 -10.30 4.30 32.77
N GLU A 62 -9.83 3.36 33.58
CA GLU A 62 -9.31 3.64 34.91
C GLU A 62 -7.99 4.39 34.78
N ALA A 63 -7.09 3.86 33.96
CA ALA A 63 -5.84 4.55 33.67
C ALA A 63 -6.07 6.00 33.16
N PHE A 64 -7.03 6.20 32.28
CA PHE A 64 -7.27 7.52 31.70
C PHE A 64 -7.80 8.47 32.76
N SER A 65 -8.76 7.96 33.51
CA SER A 65 -9.36 8.68 34.60
C SER A 65 -8.27 9.14 35.55
N ARG A 66 -7.41 8.20 35.95
CA ARG A 66 -6.30 8.45 36.87
C ARG A 66 -5.21 9.34 36.32
N ASP A 67 -4.81 9.14 35.07
CA ASP A 67 -3.60 9.77 34.59
C ASP A 67 -3.71 9.98 33.09
N PRO A 68 -4.56 10.90 32.70
CA PRO A 68 -4.81 11.16 31.30
C PRO A 68 -3.60 11.66 30.49
N SER A 69 -2.67 12.39 31.11
CA SER A 69 -1.47 12.78 30.40
C SER A 69 -0.74 11.53 29.95
N LEU A 70 -0.54 10.61 30.88
CA LEU A 70 0.26 9.46 30.58
C LEU A 70 -0.42 8.62 29.50
N VAL A 71 -1.72 8.44 29.60
CA VAL A 71 -2.40 7.64 28.59
C VAL A 71 -2.26 8.35 27.21
N TRP A 72 -2.57 9.64 27.14
CA TRP A 72 -2.36 10.37 25.92
C TRP A 72 -0.89 10.34 25.45
N GLU A 73 0.07 10.46 26.35
CA GLU A 73 1.45 10.33 25.92
C GLU A 73 1.55 9.04 25.07
N PHE A 74 1.06 7.94 25.64
CA PHE A 74 1.03 6.60 25.01
C PHE A 74 0.38 6.61 23.66
N TYR A 75 -0.80 7.19 23.58
CA TYR A 75 -1.50 7.25 22.31
C TYR A 75 -0.89 8.27 21.31
N HIS A 76 -0.26 9.33 21.79
CA HIS A 76 0.48 10.24 20.88
C HIS A 76 1.56 9.44 20.18
N TYR A 77 2.31 8.66 20.94
CA TYR A 77 3.34 7.86 20.37
C TYR A 77 2.79 7.00 19.25
N ARG A 78 1.73 6.27 19.56
CA ARG A 78 1.17 5.32 18.62
C ARG A 78 0.66 6.02 17.38
N ARG A 79 0.02 7.17 17.56
CA ARG A 79 -0.32 8.02 16.45
C ARG A 79 0.89 8.35 15.56
N GLU A 80 1.98 8.80 16.17
CA GLU A 80 3.14 9.25 15.39
C GLU A 80 3.89 8.07 14.78
N VAL A 81 4.02 6.94 15.49
CA VAL A 81 4.78 5.86 14.83
C VAL A 81 4.15 5.48 13.51
N MET A 82 2.90 5.87 13.27
CA MET A 82 2.20 5.46 12.04
C MET A 82 2.70 6.18 10.82
N ARG A 83 3.23 7.39 11.04
CA ARG A 83 3.73 8.20 9.94
C ARG A 83 4.79 7.45 9.13
N SER A 84 5.48 6.52 9.77
CA SER A 84 6.50 5.75 9.10
C SER A 84 6.13 4.30 8.86
N LYS A 85 4.95 3.83 9.26
CA LYS A 85 4.54 2.48 8.94
C LYS A 85 3.55 2.55 7.82
N MET A 86 3.81 1.80 6.75
CA MET A 86 2.93 1.77 5.59
C MET A 86 2.19 0.44 5.52
N PRO A 87 1.04 0.44 4.84
CA PRO A 87 0.32 -0.76 4.51
C PRO A 87 1.23 -1.73 3.82
N ASN A 88 1.09 -3.00 4.18
CA ASN A 88 1.80 -4.05 3.51
C ASN A 88 0.96 -4.60 2.35
N PRO A 89 1.48 -5.63 1.68
CA PRO A 89 0.80 -6.18 0.52
C PRO A 89 -0.55 -6.77 0.79
N ALA A 90 -0.78 -7.27 2.00
CA ALA A 90 -2.08 -7.84 2.34
C ALA A 90 -3.13 -6.75 2.34
N HIS A 91 -2.78 -5.65 2.99
CA HIS A 91 -3.67 -4.49 3.01
C HIS A 91 -4.15 -4.13 1.64
N LEU A 92 -3.22 -4.18 0.71
CA LEU A 92 -3.44 -3.67 -0.62
C LEU A 92 -4.24 -4.64 -1.38
N ALA A 93 -3.78 -5.88 -1.37
CA ALA A 93 -4.44 -6.93 -2.12
C ALA A 93 -5.94 -6.90 -1.84
N ILE A 94 -6.28 -6.72 -0.57
CA ILE A 94 -7.66 -6.61 -0.16
C ILE A 94 -8.27 -5.40 -0.81
N ALA A 95 -7.64 -4.24 -0.63
CA ALA A 95 -8.18 -2.98 -1.17
C ALA A 95 -8.43 -3.04 -2.68
N GLU A 96 -7.52 -3.67 -3.40
CA GLU A 96 -7.65 -3.73 -4.83
C GLU A 96 -8.74 -4.72 -5.13
N CYS A 97 -8.83 -5.77 -4.31
CA CYS A 97 -9.84 -6.79 -4.51
C CYS A 97 -11.22 -6.15 -4.45
N GLU A 98 -11.45 -5.44 -3.37
CA GLU A 98 -12.71 -4.79 -3.13
C GLU A 98 -13.06 -3.96 -4.35
N ALA A 99 -12.09 -3.18 -4.79
CA ALA A 99 -12.28 -2.29 -5.90
C ALA A 99 -12.64 -3.08 -7.12
N ARG A 100 -11.79 -4.02 -7.50
CA ARG A 100 -12.02 -4.79 -8.69
C ARG A 100 -13.39 -5.45 -8.65
N LEU A 101 -13.72 -6.12 -7.56
CA LEU A 101 -14.99 -6.81 -7.48
C LEU A 101 -16.14 -5.87 -7.43
N GLY A 102 -15.95 -4.69 -6.85
CA GLY A 102 -17.01 -3.70 -6.78
C GLY A 102 -17.53 -3.39 -8.14
N GLN A 103 -16.60 -3.20 -9.05
CA GLN A 103 -16.91 -2.86 -10.42
C GLN A 103 -17.71 -3.94 -11.12
N GLN A 104 -17.47 -5.20 -10.71
CA GLN A 104 -18.23 -6.36 -11.19
C GLN A 104 -19.55 -6.54 -10.44
N GLY A 105 -19.94 -5.60 -9.61
CA GLY A 105 -21.15 -5.77 -8.80
C GLY A 105 -21.07 -6.80 -7.68
N ARG A 106 -19.88 -7.24 -7.34
CA ARG A 106 -19.71 -8.09 -6.18
C ARG A 106 -19.24 -7.24 -5.04
N SER A 107 -19.35 -7.79 -3.85
CA SER A 107 -19.14 -7.01 -2.66
C SER A 107 -18.03 -7.60 -1.78
N VAL A 108 -17.26 -6.69 -1.17
CA VAL A 108 -16.16 -7.01 -0.28
C VAL A 108 -16.15 -6.03 0.86
N VAL A 109 -16.30 -6.55 2.08
CA VAL A 109 -16.37 -5.75 3.28
C VAL A 109 -15.30 -6.22 4.27
N ILE A 110 -14.67 -5.28 4.94
CA ILE A 110 -13.68 -5.58 5.91
C ILE A 110 -14.21 -5.28 7.31
N ILE A 111 -13.94 -6.20 8.20
CA ILE A 111 -14.26 -6.06 9.58
C ILE A 111 -12.94 -6.20 10.31
N THR A 112 -12.46 -5.14 10.93
CA THR A 112 -11.13 -5.17 11.50
C THR A 112 -11.11 -4.77 12.97
N GLN A 113 -10.28 -5.47 13.75
CA GLN A 113 -10.01 -5.11 15.14
C GLN A 113 -8.85 -4.14 15.27
N ASN A 114 -8.26 -3.78 14.15
CA ASN A 114 -7.14 -2.92 14.19
C ASN A 114 -7.56 -1.47 14.20
N ILE A 115 -6.72 -0.63 14.81
CA ILE A 115 -7.05 0.78 14.96
C ILE A 115 -6.09 1.75 14.25
N ASP A 116 -5.27 1.21 13.37
CA ASP A 116 -4.19 1.97 12.75
C ASP A 116 -4.60 2.56 11.40
N GLU A 117 -5.86 2.43 11.04
CA GLU A 117 -6.35 2.97 9.78
C GLU A 117 -5.59 2.50 8.53
N LEU A 118 -4.79 1.43 8.63
CA LEU A 118 -4.01 0.98 7.47
C LEU A 118 -4.89 0.50 6.36
N HIS A 119 -6.04 -0.06 6.67
CA HIS A 119 -6.92 -0.48 5.60
C HIS A 119 -7.35 0.70 4.71
N HIS A 120 -7.49 1.87 5.32
CA HIS A 120 -8.05 3.03 4.63
C HIS A 120 -6.94 3.59 3.82
N ARG A 121 -5.76 3.59 4.41
CA ARG A 121 -4.60 4.07 3.72
C ARG A 121 -4.25 3.18 2.52
N ALA A 122 -4.72 1.94 2.51
CA ALA A 122 -4.48 1.08 1.37
C ALA A 122 -5.55 1.32 0.32
N GLY A 123 -6.61 2.03 0.70
CA GLY A 123 -7.74 2.28 -0.18
C GLY A 123 -8.91 1.34 0.00
N SER A 124 -9.05 0.73 1.17
CA SER A 124 -10.25 -0.03 1.41
C SER A 124 -11.33 0.96 1.80
N LYS A 125 -12.57 0.72 1.36
CA LYS A 125 -13.68 1.65 1.57
C LYS A 125 -14.65 1.11 2.58
N HIS A 126 -15.21 -0.07 2.32
CA HIS A 126 -16.29 -0.61 3.15
C HIS A 126 -15.61 -1.35 4.26
N VAL A 127 -15.14 -0.58 5.24
CA VAL A 127 -14.41 -1.10 6.39
C VAL A 127 -15.23 -0.87 7.62
N TYR A 128 -15.21 -1.81 8.55
CA TYR A 128 -15.87 -1.67 9.84
C TYR A 128 -14.80 -1.75 10.93
N GLU A 129 -14.47 -0.63 11.58
CA GLU A 129 -13.44 -0.57 12.64
C GLU A 129 -14.07 -0.79 14.03
N ILE A 130 -14.03 -2.03 14.50
CA ILE A 130 -14.84 -2.43 15.63
C ILE A 130 -14.12 -2.19 16.89
N HIS A 131 -12.85 -1.80 16.84
CA HIS A 131 -12.24 -1.30 18.05
C HIS A 131 -12.02 0.20 17.95
N GLY A 132 -12.52 0.77 16.90
CA GLY A 132 -12.35 2.21 16.73
C GLY A 132 -11.12 2.52 15.93
N SER A 133 -10.56 3.69 16.18
CA SER A 133 -9.39 4.21 15.46
C SER A 133 -8.58 5.24 16.25
N LEU A 134 -7.27 5.12 16.14
CA LEU A 134 -6.33 6.10 16.70
C LEU A 134 -6.55 7.50 16.17
N PHE A 135 -7.16 7.65 15.00
CA PHE A 135 -7.22 8.97 14.44
C PHE A 135 -8.61 9.48 14.48
N LYS A 136 -9.30 9.08 15.54
CA LYS A 136 -10.52 9.70 15.90
C LYS A 136 -10.48 9.97 17.37
N THR A 137 -11.21 11.02 17.73
CA THR A 137 -11.35 11.44 19.12
C THR A 137 -12.82 11.45 19.46
N ARG A 138 -13.13 11.04 20.68
CA ARG A 138 -14.47 11.24 21.22
C ARG A 138 -14.37 12.23 22.38
N CYS A 139 -15.36 13.11 22.48
CA CYS A 139 -15.40 14.09 23.57
C CYS A 139 -16.02 13.52 24.83
N MET A 140 -15.35 13.75 25.96
CA MET A 140 -15.85 13.26 27.23
C MET A 140 -17.10 14.04 27.62
N SER A 141 -17.16 15.30 27.21
CA SER A 141 -18.27 16.18 27.54
C SER A 141 -19.41 15.87 26.62
N CYS A 142 -19.32 16.25 25.35
CA CYS A 142 -20.46 16.16 24.46
C CYS A 142 -20.55 14.88 23.70
N GLY A 143 -19.55 14.00 23.80
CA GLY A 143 -19.57 12.72 23.08
C GLY A 143 -19.34 12.74 21.57
N GLU A 144 -18.90 13.86 21.02
CA GLU A 144 -18.72 13.98 19.57
C GLU A 144 -17.51 13.20 19.05
N VAL A 145 -17.70 12.50 17.93
CA VAL A 145 -16.61 11.77 17.29
C VAL A 145 -16.16 12.48 16.04
N LYS A 146 -14.88 12.82 16.01
CA LYS A 146 -14.34 13.62 14.94
C LYS A 146 -13.01 13.01 14.49
N ALA A 147 -12.81 13.02 13.18
CA ALA A 147 -11.57 12.57 12.60
C ALA A 147 -10.51 13.52 13.05
N ASN A 148 -9.32 12.97 13.26
CA ASN A 148 -8.17 13.79 13.57
C ASN A 148 -6.81 13.11 13.33
N HIS A 149 -6.02 13.69 12.43
CA HIS A 149 -4.67 13.17 12.11
C HIS A 149 -3.56 14.21 12.36
N LYS A 150 -3.91 15.28 13.07
CA LYS A 150 -3.00 16.38 13.46
C LYS A 150 -1.69 15.84 14.00
N SER A 151 -0.57 16.47 13.69
CA SER A 151 0.69 16.03 14.26
C SER A 151 1.56 17.21 14.71
N PRO A 152 1.73 17.42 16.01
CA PRO A 152 1.11 16.64 17.05
C PRO A 152 -0.35 17.01 17.22
N ILE A 153 -1.09 16.09 17.81
CA ILE A 153 -2.51 16.28 18.07
C ILE A 153 -2.84 17.58 18.84
N CYS A 154 -1.92 17.96 19.73
CA CYS A 154 -1.94 19.23 20.42
C CYS A 154 -0.50 19.62 20.76
N PRO A 155 -0.23 20.94 20.85
CA PRO A 155 1.12 21.44 21.09
C PRO A 155 1.75 20.84 22.33
N ALA A 156 1.06 20.94 23.46
CA ALA A 156 1.52 20.38 24.73
C ALA A 156 2.24 19.00 24.66
N LEU A 157 1.87 18.20 23.67
CA LEU A 157 2.38 16.85 23.50
C LEU A 157 3.52 16.75 22.50
N ASP A 158 3.88 17.87 21.88
CA ASP A 158 4.90 17.86 20.82
C ASP A 158 6.20 17.16 21.27
N GLY A 159 6.61 16.15 20.53
CA GLY A 159 7.76 15.38 20.92
C GLY A 159 7.63 14.75 22.28
N LYS A 160 6.43 14.39 22.70
CA LYS A 160 6.27 13.62 23.92
C LYS A 160 6.06 12.14 23.56
N GLY A 161 5.73 11.36 24.60
CA GLY A 161 5.41 9.95 24.43
C GLY A 161 6.60 9.06 24.10
N ALA A 162 7.82 9.54 24.28
CA ALA A 162 8.98 8.69 24.07
C ALA A 162 8.79 7.36 24.83
N PRO A 163 9.21 6.24 24.23
CA PRO A 163 9.00 4.93 24.81
C PRO A 163 10.13 4.39 25.68
N ASP A 164 11.25 5.11 25.79
CA ASP A 164 12.31 4.66 26.64
C ASP A 164 11.81 4.52 28.12
N PRO A 165 12.07 3.35 28.75
CA PRO A 165 11.53 3.07 30.10
C PRO A 165 11.83 4.14 31.12
N ASN A 166 12.96 4.84 30.94
CA ASN A 166 13.35 5.93 31.83
C ASN A 166 13.00 7.29 31.29
N THR A 167 11.95 7.40 30.48
CA THR A 167 11.59 8.73 30.01
C THR A 167 10.90 9.46 31.17
N LYS A 168 10.97 10.78 31.21
CA LYS A 168 10.22 11.49 32.22
C LYS A 168 8.81 11.69 31.74
N GLU A 169 7.87 11.41 32.63
CA GLU A 169 6.48 11.78 32.43
C GLU A 169 6.37 13.23 31.96
N ALA A 170 5.46 13.49 31.05
CA ALA A 170 5.18 14.82 30.61
C ALA A 170 4.39 15.51 31.68
N ARG A 171 3.48 14.76 32.31
CA ARG A 171 2.63 15.28 33.38
C ARG A 171 1.96 16.58 32.88
N ILE A 172 1.28 16.48 31.74
CA ILE A 172 0.58 17.62 31.15
C ILE A 172 -0.72 17.93 31.92
N PRO A 173 -0.92 19.20 32.32
CA PRO A 173 -2.22 19.64 32.78
C PRO A 173 -3.31 19.20 31.85
N VAL A 174 -4.34 18.59 32.43
CA VAL A 174 -5.52 18.14 31.70
C VAL A 174 -6.15 19.23 30.82
N GLU A 175 -6.15 20.47 31.30
CA GLU A 175 -6.67 21.56 30.50
C GLU A 175 -5.89 21.69 29.16
N LEU A 176 -4.62 21.36 29.16
CA LEU A 176 -3.78 21.50 27.96
C LEU A 176 -3.70 20.30 27.01
N LEU A 177 -4.21 19.16 27.46
CA LEU A 177 -4.41 18.02 26.60
C LEU A 177 -5.46 18.37 25.51
N PRO A 178 -5.69 17.48 24.53
CA PRO A 178 -6.64 17.74 23.45
C PRO A 178 -8.05 18.01 23.92
N ARG A 179 -8.62 19.14 23.49
CA ARG A 179 -9.94 19.51 23.92
C ARG A 179 -10.84 19.65 22.75
N CYS A 180 -12.12 19.54 23.03
CA CYS A 180 -13.19 19.64 22.04
C CYS A 180 -13.29 21.02 21.47
N GLU A 181 -13.50 21.14 20.18
CA GLU A 181 -13.41 22.43 19.57
C GLU A 181 -14.74 23.18 19.51
N ARG A 182 -15.83 22.63 20.01
CA ARG A 182 -17.10 23.35 19.91
C ARG A 182 -17.27 24.55 20.86
N LYS A 183 -16.20 24.92 21.57
CA LYS A 183 -16.10 26.24 22.24
C LYS A 183 -17.05 26.39 23.41
N SER A 184 -18.34 26.36 23.12
CA SER A 184 -19.36 26.15 24.15
C SER A 184 -19.05 24.86 24.91
N CYS A 185 -18.29 23.93 24.30
CA CYS A 185 -17.96 22.68 24.95
C CYS A 185 -16.62 22.63 25.64
N ASN A 186 -15.56 22.66 24.85
CA ASN A 186 -14.21 22.44 25.36
C ASN A 186 -13.96 21.16 26.18
N GLY A 187 -14.78 20.14 25.95
CA GLY A 187 -14.62 18.88 26.64
C GLY A 187 -13.25 18.32 26.42
N LEU A 188 -12.87 17.42 27.31
CA LEU A 188 -11.62 16.70 27.15
C LEU A 188 -11.85 15.57 26.18
N LEU A 189 -10.87 15.38 25.30
CA LEU A 189 -10.97 14.30 24.33
C LEU A 189 -10.21 13.10 24.81
N ARG A 190 -10.72 11.95 24.42
CA ARG A 190 -10.03 10.71 24.51
C ARG A 190 -9.95 10.09 23.11
N PRO A 191 -9.05 9.12 22.93
CA PRO A 191 -9.02 8.38 21.69
C PRO A 191 -10.28 7.59 21.53
N HIS A 192 -10.81 7.50 20.31
CA HIS A 192 -12.02 6.77 20.01
C HIS A 192 -11.61 5.36 19.68
N VAL A 193 -11.15 4.72 20.74
CA VAL A 193 -10.71 3.34 20.75
C VAL A 193 -11.50 2.62 21.84
N VAL A 194 -11.79 1.35 21.62
CA VAL A 194 -12.37 0.51 22.64
C VAL A 194 -11.26 0.04 23.57
N TRP A 195 -11.41 0.40 24.85
CA TRP A 195 -10.48 0.01 25.86
C TRP A 195 -10.88 -1.31 26.50
N PHE A 196 -9.99 -1.85 27.34
CA PHE A 196 -10.31 -3.03 28.12
C PHE A 196 -11.39 -2.68 29.15
N GLY A 197 -12.32 -3.61 29.32
CA GLY A 197 -13.53 -3.37 30.07
C GLY A 197 -14.58 -2.48 29.39
N GLU A 198 -14.50 -2.23 28.08
CA GLU A 198 -15.59 -1.47 27.41
C GLU A 198 -16.38 -2.35 26.43
N THR A 199 -17.63 -1.99 26.18
CA THR A 199 -18.41 -2.75 25.23
C THR A 199 -18.21 -2.22 23.84
N LEU A 200 -18.32 -3.12 22.88
CA LEU A 200 -18.40 -2.75 21.49
C LEU A 200 -19.70 -1.96 21.23
N ASP A 201 -19.70 -1.19 20.14
CA ASP A 201 -20.84 -0.38 19.72
C ASP A 201 -21.85 -1.29 19.10
N SER A 202 -23.10 -1.23 19.53
CA SER A 202 -24.11 -2.18 19.03
C SER A 202 -24.53 -1.89 17.62
N ASP A 203 -24.66 -0.60 17.29
CA ASP A 203 -24.94 -0.18 15.91
C ASP A 203 -23.97 -0.88 14.96
N ILE A 204 -22.69 -0.80 15.28
CA ILE A 204 -21.69 -1.46 14.44
C ILE A 204 -21.94 -2.96 14.36
N LEU A 205 -22.03 -3.62 15.51
CA LEU A 205 -22.28 -5.07 15.54
C LEU A 205 -23.51 -5.52 14.78
N THR A 206 -24.56 -4.70 14.76
CA THR A 206 -25.77 -5.07 14.04
C THR A 206 -25.52 -5.07 12.57
N ALA A 207 -24.69 -4.13 12.14
CA ALA A 207 -24.30 -4.02 10.75
C ALA A 207 -23.50 -5.22 10.32
N VAL A 208 -22.54 -5.54 11.15
CA VAL A 208 -21.61 -6.60 10.84
C VAL A 208 -22.37 -7.91 10.73
N GLU A 209 -23.33 -8.06 11.65
CA GLU A 209 -24.19 -9.19 11.61
C GLU A 209 -24.87 -9.26 10.25
N ARG A 210 -25.54 -8.17 9.87
CA ARG A 210 -26.24 -8.15 8.59
C ARG A 210 -25.29 -8.60 7.49
N GLU A 211 -24.06 -8.09 7.52
CA GLU A 211 -23.08 -8.39 6.48
C GLU A 211 -22.65 -9.84 6.48
N LEU A 212 -22.51 -10.43 7.64
CA LEU A 212 -22.11 -11.84 7.69
C LEU A 212 -23.23 -12.77 7.36
N GLU A 213 -24.46 -12.31 7.56
CA GLU A 213 -25.59 -13.10 7.19
C GLU A 213 -25.68 -13.15 5.69
N LYS A 214 -25.25 -12.10 4.98
CA LYS A 214 -25.28 -12.07 3.50
C LYS A 214 -24.08 -12.69 2.80
N CYS A 215 -23.02 -13.01 3.52
CA CYS A 215 -21.79 -13.28 2.82
C CYS A 215 -21.74 -14.73 2.41
N ASP A 216 -21.15 -15.02 1.26
CA ASP A 216 -21.00 -16.41 0.80
C ASP A 216 -19.55 -16.89 0.76
N LEU A 217 -18.68 -16.13 1.43
CA LEU A 217 -17.31 -16.51 1.68
C LEU A 217 -16.75 -15.60 2.76
N CYS A 218 -15.94 -16.13 3.64
CA CYS A 218 -15.42 -15.37 4.76
C CYS A 218 -13.94 -15.64 4.92
N LEU A 219 -13.12 -14.59 4.93
CA LEU A 219 -11.73 -14.74 5.25
C LEU A 219 -11.42 -14.23 6.65
N VAL A 220 -10.42 -14.84 7.28
CA VAL A 220 -9.93 -14.45 8.61
C VAL A 220 -8.46 -14.29 8.43
N VAL A 221 -7.93 -13.13 8.77
CA VAL A 221 -6.59 -12.78 8.33
C VAL A 221 -5.82 -12.15 9.47
N GLY A 222 -4.69 -12.76 9.84
CA GLY A 222 -3.85 -12.25 10.91
C GLY A 222 -4.43 -12.49 12.30
N THR A 223 -5.24 -13.53 12.44
CA THR A 223 -5.84 -13.97 13.69
C THR A 223 -6.55 -15.28 13.32
N SER A 224 -7.29 -15.85 14.27
CA SER A 224 -7.86 -17.17 14.12
C SER A 224 -9.34 -17.12 14.39
N SER A 225 -10.09 -17.94 13.65
CA SER A 225 -11.55 -18.11 13.89
C SER A 225 -11.88 -18.48 15.30
N ILE A 226 -10.90 -19.02 16.00
CA ILE A 226 -11.11 -19.68 17.25
C ILE A 226 -11.11 -18.67 18.40
N VAL A 227 -10.50 -17.51 18.18
CA VAL A 227 -10.22 -16.54 19.22
C VAL A 227 -11.04 -15.30 18.94
N TYR A 228 -11.31 -14.55 20.00
CA TYR A 228 -11.89 -13.24 19.80
C TYR A 228 -11.01 -12.44 18.88
N PRO A 229 -11.59 -11.69 17.95
CA PRO A 229 -13.04 -11.50 17.82
C PRO A 229 -13.71 -12.37 16.77
N ALA A 230 -12.90 -13.01 15.93
CA ALA A 230 -13.42 -13.90 14.92
C ALA A 230 -14.50 -14.84 15.49
N ALA A 231 -14.28 -15.29 16.72
CA ALA A 231 -15.15 -16.26 17.32
C ALA A 231 -16.60 -15.82 17.42
N MET A 232 -16.85 -14.53 17.52
CA MET A 232 -18.22 -14.06 17.65
C MET A 232 -19.11 -14.39 16.46
N PHE A 233 -18.46 -14.61 15.32
CA PHE A 233 -19.13 -14.57 14.04
C PHE A 233 -18.96 -15.77 13.13
N ALA A 234 -17.70 -16.20 12.96
CA ALA A 234 -17.38 -17.31 12.08
C ALA A 234 -18.41 -18.43 12.34
N PRO A 235 -18.75 -18.70 13.63
CA PRO A 235 -19.90 -19.57 13.91
C PRO A 235 -21.21 -19.22 13.22
N GLN A 236 -21.68 -17.99 13.35
CA GLN A 236 -22.86 -17.56 12.59
C GLN A 236 -22.79 -17.85 11.07
N VAL A 237 -21.61 -17.67 10.46
CA VAL A 237 -21.44 -17.95 9.02
C VAL A 237 -21.22 -19.45 8.72
N ALA A 238 -20.42 -20.14 9.53
CA ALA A 238 -20.06 -21.52 9.27
C ALA A 238 -21.31 -22.40 9.37
N SER A 239 -22.10 -22.15 10.39
CA SER A 239 -23.37 -22.81 10.58
C SER A 239 -24.34 -22.61 9.42
N ARG A 240 -24.18 -21.55 8.64
CA ARG A 240 -24.90 -21.46 7.38
C ARG A 240 -24.27 -22.32 6.28
N GLY A 241 -23.16 -22.97 6.59
CA GLY A 241 -22.41 -23.71 5.62
C GLY A 241 -21.50 -22.91 4.69
N VAL A 242 -21.11 -21.70 5.07
CA VAL A 242 -20.24 -20.88 4.19
C VAL A 242 -18.76 -21.16 4.44
N PRO A 243 -17.95 -21.26 3.37
CA PRO A 243 -16.52 -21.54 3.59
C PRO A 243 -15.74 -20.43 4.33
N VAL A 244 -14.77 -20.82 5.11
CA VAL A 244 -13.99 -19.88 5.89
C VAL A 244 -12.55 -20.22 5.65
N ALA A 245 -11.72 -19.20 5.48
CA ALA A 245 -10.34 -19.38 5.09
C ALA A 245 -9.45 -18.57 5.98
N GLU A 246 -8.56 -19.22 6.74
CA GLU A 246 -7.69 -18.47 7.62
C GLU A 246 -6.36 -18.18 6.92
N PHE A 247 -5.78 -17.03 7.21
CA PHE A 247 -4.47 -16.67 6.72
C PHE A 247 -3.74 -16.07 7.91
N ASN A 248 -2.92 -16.87 8.54
CA ASN A 248 -2.20 -16.43 9.71
C ASN A 248 -0.99 -17.31 9.83
N MET A 249 -0.23 -17.13 10.90
CA MET A 249 0.93 -17.92 11.15
C MET A 249 0.77 -18.89 12.29
N GLU A 250 -0.45 -19.08 12.74
CA GLU A 250 -0.73 -20.13 13.69
C GLU A 250 -0.62 -21.48 12.94
N CYS A 251 -0.44 -22.56 13.70
CA CYS A 251 -0.07 -23.87 13.13
C CYS A 251 -1.29 -24.72 13.09
N THR A 252 -1.44 -25.54 12.04
CA THR A 252 -2.52 -26.52 12.01
C THR A 252 -1.92 -27.92 12.31
N PRO A 253 -2.51 -28.68 13.27
CA PRO A 253 -2.02 -30.04 13.51
C PRO A 253 -2.17 -30.96 12.28
N ALA A 254 -1.28 -31.95 12.20
CA ALA A 254 -1.15 -32.88 11.06
C ALA A 254 -2.49 -33.40 10.49
N THR A 255 -3.23 -34.08 11.35
CA THR A 255 -4.59 -34.52 11.06
C THR A 255 -5.57 -33.34 11.00
N GLN A 256 -5.53 -32.61 9.87
CA GLN A 256 -6.45 -31.52 9.52
C GLN A 256 -5.94 -30.83 8.27
N LYS A 259 -11.91 -24.04 7.75
CA LYS A 259 -12.06 -25.03 6.67
C LYS A 259 -10.80 -25.09 5.82
N TYR A 260 -10.37 -23.96 5.26
CA TYR A 260 -9.02 -23.83 4.68
C TYR A 260 -8.16 -23.04 5.66
N HIS A 261 -6.85 -23.21 5.55
CA HIS A 261 -5.89 -22.52 6.43
C HIS A 261 -4.55 -22.39 5.70
N PHE A 262 -4.08 -21.17 5.52
CA PHE A 262 -2.94 -20.90 4.69
C PHE A 262 -1.90 -20.28 5.58
N GLU A 263 -1.02 -21.15 6.07
CA GLU A 263 -0.03 -20.79 7.09
C GLU A 263 0.98 -19.89 6.42
N GLY A 264 1.38 -18.82 7.10
CA GLY A 264 2.34 -17.88 6.55
C GLY A 264 1.91 -16.44 6.69
N PRO A 265 2.90 -15.52 6.54
CA PRO A 265 2.63 -14.08 6.57
C PRO A 265 1.64 -13.66 5.47
N CYS A 266 0.59 -12.99 5.91
CA CYS A 266 -0.48 -12.51 5.06
C CYS A 266 0.07 -11.81 3.84
N GLY A 267 1.06 -10.95 4.09
CA GLY A 267 1.79 -10.26 3.03
C GLY A 267 2.10 -11.16 1.87
N SER A 268 2.48 -12.42 2.14
CA SER A 268 2.85 -13.41 1.10
C SER A 268 1.73 -14.30 0.65
N THR A 269 0.98 -14.80 1.61
CA THR A 269 -0.03 -15.79 1.33
C THR A 269 -1.20 -15.16 0.58
N LEU A 270 -1.57 -13.97 0.98
CA LEU A 270 -2.86 -13.45 0.58
C LEU A 270 -2.95 -12.94 -0.85
N PRO A 271 -1.98 -12.13 -1.29
CA PRO A 271 -2.13 -11.53 -2.63
C PRO A 271 -2.29 -12.55 -3.80
N PRO A 272 -1.49 -13.65 -3.82
CA PRO A 272 -1.75 -14.71 -4.77
C PRO A 272 -3.17 -15.22 -4.65
N ALA A 273 -3.66 -15.41 -3.43
CA ALA A 273 -5.02 -15.93 -3.21
C ALA A 273 -6.10 -15.08 -3.89
N LEU A 274 -5.94 -13.76 -3.84
CA LEU A 274 -6.95 -12.83 -4.32
C LEU A 274 -6.80 -12.36 -5.80
N GLU A 275 -5.65 -12.66 -6.41
CA GLU A 275 -5.34 -12.33 -7.81
C GLU A 275 -6.46 -12.65 -8.82
N SER B 10 27.32 12.25 3.10
CA SER B 10 26.68 12.16 4.46
C SER B 10 25.69 10.98 4.56
N SER B 11 25.77 10.23 5.66
CA SER B 11 24.74 9.25 6.00
C SER B 11 23.93 9.78 7.20
N ASP B 12 23.89 11.11 7.34
CA ASP B 12 23.20 11.76 8.45
C ASP B 12 21.74 12.09 8.14
N LEU B 13 20.86 11.24 8.67
CA LEU B 13 19.42 11.38 8.48
C LEU B 13 18.84 12.73 8.95
N THR B 14 19.27 13.21 10.11
CA THR B 14 18.70 14.43 10.66
C THR B 14 19.05 15.63 9.76
N ALA B 15 20.24 15.59 9.16
CA ALA B 15 20.67 16.62 8.23
C ALA B 15 19.72 16.69 7.01
N PHE B 16 19.44 15.51 6.47
CA PHE B 16 18.53 15.38 5.36
C PHE B 16 17.14 15.87 5.70
N ARG B 17 16.62 15.46 6.86
CA ARG B 17 15.26 15.87 7.24
C ARG B 17 15.19 17.38 7.31
N GLU B 18 16.27 18.01 7.76
CA GLU B 18 16.31 19.46 7.85
C GLU B 18 16.09 20.09 6.49
N HIS B 19 16.59 19.46 5.45
CA HIS B 19 16.33 19.97 4.10
C HIS B 19 14.93 19.74 3.71
N PHE B 20 14.53 18.49 3.94
CA PHE B 20 13.19 18.01 3.69
C PHE B 20 12.17 19.04 4.22
N ALA B 21 12.37 19.46 5.46
CA ALA B 21 11.53 20.46 6.07
C ALA B 21 11.34 21.70 5.20
N LYS B 22 12.41 22.22 4.61
CA LYS B 22 12.36 23.49 3.90
C LYS B 22 11.79 23.31 2.51
N ALA B 23 12.07 22.18 1.90
CA ALA B 23 11.68 21.94 0.51
C ALA B 23 10.25 22.35 0.11
N LYS B 24 10.14 23.07 -1.00
CA LYS B 24 8.85 23.46 -1.56
C LYS B 24 8.52 22.81 -2.88
N HIS B 25 9.55 22.39 -3.63
CA HIS B 25 9.35 21.63 -4.85
C HIS B 25 10.31 20.46 -4.86
N ILE B 26 9.76 19.27 -4.63
CA ILE B 26 10.57 18.06 -4.51
C ILE B 26 10.39 17.14 -5.66
N ALA B 27 11.50 16.65 -6.20
CA ALA B 27 11.42 15.74 -7.31
C ALA B 27 12.06 14.41 -6.93
N ILE B 28 11.38 13.33 -7.29
CA ILE B 28 11.78 12.04 -6.91
C ILE B 28 11.91 11.24 -8.16
N ILE B 29 13.11 10.77 -8.40
CA ILE B 29 13.40 9.94 -9.56
C ILE B 29 13.47 8.51 -9.04
N THR B 30 12.81 7.58 -9.75
CA THR B 30 12.72 6.18 -9.29
C THR B 30 13.13 5.18 -10.35
N GLY B 31 14.01 4.26 -9.98
CA GLY B 31 14.55 3.26 -10.89
C GLY B 31 14.00 1.92 -10.54
N ALA B 32 14.55 0.86 -11.13
CA ALA B 32 13.93 -0.46 -10.98
C ALA B 32 14.10 -1.07 -9.58
N GLY B 33 14.99 -0.51 -8.78
CA GLY B 33 15.15 -0.96 -7.41
C GLY B 33 13.83 -1.09 -6.69
N VAL B 34 12.93 -0.21 -7.06
CA VAL B 34 11.67 -0.04 -6.36
C VAL B 34 10.64 -1.04 -6.88
N SER B 35 10.65 -1.25 -8.19
CA SER B 35 9.74 -2.19 -8.78
C SER B 35 10.21 -3.59 -8.46
N ALA B 36 11.51 -3.71 -8.27
CA ALA B 36 12.11 -4.95 -7.83
C ALA B 36 11.59 -5.32 -6.45
N GLU B 37 11.65 -4.38 -5.51
CA GLU B 37 11.16 -4.64 -4.17
C GLU B 37 9.69 -5.09 -4.10
N SER B 38 8.91 -4.90 -5.18
CA SER B 38 7.53 -5.36 -5.21
C SER B 38 7.44 -6.68 -5.97
N GLY B 39 8.59 -7.24 -6.30
CA GLY B 39 8.65 -8.54 -6.94
C GLY B 39 8.33 -8.55 -8.40
N VAL B 40 8.76 -7.56 -9.13
CA VAL B 40 8.41 -7.51 -10.54
C VAL B 40 9.58 -8.03 -11.35
N PRO B 41 9.32 -8.98 -12.28
CA PRO B 41 10.40 -9.47 -13.16
C PRO B 41 10.94 -8.41 -14.07
N THR B 42 12.26 -8.27 -14.11
CA THR B 42 12.79 -7.32 -15.06
C THR B 42 13.31 -8.05 -16.28
N PHE B 43 13.45 -9.37 -16.22
CA PHE B 43 13.97 -10.14 -17.38
C PHE B 43 15.35 -9.71 -17.90
N ARG B 44 16.26 -9.38 -16.99
CA ARG B 44 17.65 -9.04 -17.31
C ARG B 44 18.61 -10.00 -16.63
N GLY B 45 18.72 -9.99 -15.29
CA GLY B 45 19.71 -10.81 -14.57
C GLY B 45 19.72 -12.21 -15.19
N PRO B 46 20.74 -13.03 -14.88
CA PRO B 46 20.88 -14.31 -15.62
C PRO B 46 19.60 -15.15 -15.60
N GLY B 47 18.96 -15.28 -14.44
CA GLY B 47 17.70 -16.02 -14.33
C GLY B 47 16.46 -15.17 -14.61
N GLY B 48 16.62 -14.11 -15.40
CA GLY B 48 15.48 -13.39 -15.94
C GLY B 48 15.29 -13.79 -17.39
N PHE B 49 14.73 -14.99 -17.62
CA PHE B 49 14.31 -15.41 -18.96
C PHE B 49 12.81 -15.47 -19.06
N TRP B 50 12.32 -15.35 -20.27
CA TRP B 50 10.91 -15.58 -20.55
C TRP B 50 10.95 -16.55 -21.67
N ARG B 51 10.51 -17.78 -21.40
CA ARG B 51 10.72 -18.84 -22.36
C ARG B 51 12.23 -18.79 -22.72
N LYS B 52 12.57 -18.79 -24.01
CA LYS B 52 13.97 -18.85 -24.39
C LYS B 52 14.65 -17.48 -24.38
N TRP B 53 13.90 -16.40 -24.16
CA TRP B 53 14.41 -15.03 -24.38
C TRP B 53 14.57 -14.14 -23.16
N GLN B 54 15.31 -13.06 -23.37
CA GLN B 54 15.40 -11.99 -22.42
C GLN B 54 14.83 -10.74 -23.05
N ALA B 55 14.54 -9.76 -22.21
CA ALA B 55 14.08 -8.45 -22.66
C ALA B 55 14.73 -7.94 -23.93
N GLN B 56 16.07 -7.83 -23.91
CA GLN B 56 16.82 -7.22 -25.01
C GLN B 56 16.43 -7.78 -26.34
N ASP B 57 16.16 -9.08 -26.36
CA ASP B 57 15.72 -9.77 -27.57
C ASP B 57 14.35 -9.25 -27.98
N LEU B 58 13.42 -9.12 -27.03
CA LEU B 58 12.01 -8.88 -27.36
C LEU B 58 11.48 -7.45 -27.31
N ALA B 59 12.13 -6.61 -26.50
CA ALA B 59 11.68 -5.26 -26.29
C ALA B 59 12.26 -4.27 -27.30
N THR B 60 12.08 -4.56 -28.58
CA THR B 60 12.68 -3.74 -29.63
C THR B 60 11.70 -3.61 -30.76
N PRO B 61 11.90 -2.62 -31.63
CA PRO B 61 10.91 -2.45 -32.67
C PRO B 61 11.03 -3.53 -33.74
N GLU B 62 12.21 -4.13 -33.81
CA GLU B 62 12.55 -5.15 -34.81
C GLU B 62 11.77 -6.40 -34.48
N ALA B 63 11.84 -6.81 -33.22
CA ALA B 63 11.08 -7.97 -32.78
C ALA B 63 9.58 -7.83 -33.08
N PHE B 64 9.03 -6.63 -32.87
CA PHE B 64 7.60 -6.42 -33.04
C PHE B 64 7.22 -6.49 -34.51
N SER B 65 8.03 -5.78 -35.29
CA SER B 65 7.89 -5.79 -36.73
C SER B 65 7.88 -7.22 -37.26
N ARG B 66 8.86 -8.00 -36.81
CA ARG B 66 9.05 -9.40 -37.21
C ARG B 66 7.98 -10.37 -36.67
N ASP B 67 7.55 -10.21 -35.44
CA ASP B 67 6.73 -11.26 -34.83
C ASP B 67 5.86 -10.65 -33.74
N PRO B 68 4.87 -9.89 -34.17
CA PRO B 68 4.04 -9.13 -33.22
C PRO B 68 3.22 -9.99 -32.26
N SER B 69 2.84 -11.18 -32.67
CA SER B 69 2.16 -12.08 -31.73
C SER B 69 3.09 -12.37 -30.57
N LEU B 70 4.31 -12.78 -30.86
CA LEU B 70 5.22 -13.21 -29.81
C LEU B 70 5.54 -12.04 -28.86
N VAL B 71 5.74 -10.85 -29.42
CA VAL B 71 6.02 -9.72 -28.57
C VAL B 71 4.80 -9.46 -27.69
N TRP B 72 3.62 -9.36 -28.29
CA TRP B 72 2.39 -9.21 -27.49
C TRP B 72 2.19 -10.34 -26.47
N GLU B 73 2.49 -11.58 -26.83
CA GLU B 73 2.42 -12.66 -25.83
C GLU B 73 3.19 -12.26 -24.59
N PHE B 74 4.44 -11.85 -24.82
CA PHE B 74 5.37 -11.35 -23.78
C PHE B 74 4.77 -10.24 -22.95
N TYR B 75 4.24 -9.22 -23.61
CA TYR B 75 3.67 -8.09 -22.91
C TYR B 75 2.32 -8.43 -22.24
N HIS B 76 1.54 -9.37 -22.78
CA HIS B 76 0.32 -9.85 -22.11
C HIS B 76 0.75 -10.42 -20.78
N TYR B 77 1.78 -11.24 -20.78
CA TYR B 77 2.25 -11.84 -19.53
C TYR B 77 2.56 -10.81 -18.46
N ARG B 78 3.34 -9.84 -18.88
CA ARG B 78 3.80 -8.82 -17.97
C ARG B 78 2.65 -8.00 -17.44
N ARG B 79 1.71 -7.67 -18.32
CA ARG B 79 0.47 -7.07 -17.88
C ARG B 79 -0.22 -7.88 -16.78
N GLU B 80 -0.38 -9.18 -16.98
CA GLU B 80 -1.13 -9.99 -16.04
C GLU B 80 -0.32 -10.23 -14.75
N VAL B 81 1.00 -10.45 -14.81
CA VAL B 81 1.69 -10.72 -13.53
C VAL B 81 1.50 -9.60 -12.53
N MET B 82 1.04 -8.44 -13.00
CA MET B 82 0.89 -7.27 -12.13
C MET B 82 -0.28 -7.46 -11.17
N ARG B 83 -1.26 -8.25 -11.60
CA ARG B 83 -2.42 -8.53 -10.77
C ARG B 83 -2.00 -9.01 -9.37
N SER B 84 -0.85 -9.67 -9.27
CA SER B 84 -0.38 -10.22 -7.99
C SER B 84 0.81 -9.48 -7.38
N LYS B 85 1.33 -8.45 -8.03
CA LYS B 85 2.39 -7.65 -7.41
C LYS B 85 1.82 -6.33 -6.95
N MET B 86 2.05 -6.01 -5.69
CA MET B 86 1.50 -4.80 -5.07
C MET B 86 2.61 -3.81 -4.81
N PRO B 87 2.27 -2.53 -4.73
CA PRO B 87 3.18 -1.48 -4.30
C PRO B 87 3.78 -1.79 -2.96
N ASN B 88 5.04 -1.52 -2.79
CA ASN B 88 5.68 -1.69 -1.50
C ASN B 88 5.62 -0.37 -0.72
N PRO B 89 6.25 -0.35 0.48
CA PRO B 89 6.16 0.81 1.35
C PRO B 89 6.76 2.03 0.81
N ALA B 90 7.75 1.89 -0.06
CA ALA B 90 8.36 3.06 -0.67
C ALA B 90 7.37 3.77 -1.61
N HIS B 91 6.72 2.97 -2.45
CA HIS B 91 5.69 3.50 -3.33
C HIS B 91 4.72 4.37 -2.57
N LEU B 92 4.37 3.88 -1.38
CA LEU B 92 3.31 4.48 -0.62
C LEU B 92 3.78 5.71 0.04
N ALA B 93 4.91 5.58 0.70
CA ALA B 93 5.49 6.69 1.46
C ALA B 93 5.55 7.93 0.60
N ILE B 94 5.94 7.71 -0.64
CA ILE B 94 5.95 8.77 -1.61
C ILE B 94 4.55 9.32 -1.84
N ALA B 95 3.62 8.43 -2.17
CA ALA B 95 2.23 8.84 -2.49
C ALA B 95 1.58 9.61 -1.35
N GLU B 96 1.85 9.19 -0.13
CA GLU B 96 1.28 9.87 0.99
C GLU B 96 2.01 11.20 1.15
N CYS B 97 3.30 11.21 0.87
CA CYS B 97 4.07 12.43 0.99
C CYS B 97 3.51 13.52 0.08
N GLU B 98 3.37 13.16 -1.19
CA GLU B 98 2.87 14.07 -2.19
C GLU B 98 1.57 14.64 -1.71
N ALA B 99 0.71 13.77 -1.20
CA ALA B 99 -0.60 14.16 -0.68
C ALA B 99 -0.47 15.13 0.47
N ARG B 100 0.25 14.74 1.49
CA ARG B 100 0.43 15.57 2.66
C ARG B 100 0.98 16.94 2.31
N LEU B 101 2.03 16.95 1.50
CA LEU B 101 2.64 18.21 1.14
C LEU B 101 1.77 19.03 0.26
N GLY B 102 0.94 18.37 -0.53
CA GLY B 102 -0.02 19.07 -1.39
C GLY B 102 -0.97 19.97 -0.61
N GLN B 103 -1.47 19.45 0.50
CA GLN B 103 -2.30 20.23 1.41
C GLN B 103 -1.59 21.46 1.98
N GLN B 104 -0.29 21.33 2.18
CA GLN B 104 0.50 22.45 2.63
C GLN B 104 0.91 23.36 1.48
N GLY B 105 0.37 23.18 0.29
CA GLY B 105 0.81 23.97 -0.87
C GLY B 105 2.22 23.66 -1.42
N ARG B 106 2.85 22.59 -1.00
CA ARG B 106 4.15 22.21 -1.53
C ARG B 106 3.94 21.15 -2.56
N SER B 107 4.98 20.92 -3.35
CA SER B 107 4.86 20.09 -4.50
C SER B 107 5.82 18.91 -4.43
N VAL B 108 5.34 17.78 -4.94
CA VAL B 108 6.11 16.57 -5.05
C VAL B 108 5.76 15.92 -6.39
N VAL B 109 6.79 15.72 -7.22
CA VAL B 109 6.64 15.13 -8.54
C VAL B 109 7.55 13.90 -8.65
N ILE B 110 7.02 12.86 -9.30
CA ILE B 110 7.74 11.65 -9.52
C ILE B 110 8.09 11.49 -10.99
N ILE B 111 9.35 11.14 -11.23
CA ILE B 111 9.88 10.89 -12.53
C ILE B 111 10.35 9.47 -12.45
N THR B 112 9.69 8.56 -13.15
CA THR B 112 9.98 7.13 -13.02
C THR B 112 10.31 6.48 -14.36
N GLN B 113 11.32 5.58 -14.33
CA GLN B 113 11.67 4.72 -15.47
C GLN B 113 10.87 3.45 -15.47
N ASN B 114 10.03 3.25 -14.47
CA ASN B 114 9.32 2.01 -14.36
C ASN B 114 8.03 2.06 -15.15
N ILE B 115 7.59 0.90 -15.62
CA ILE B 115 6.42 0.87 -16.51
C ILE B 115 5.26 0.06 -15.96
N ASP B 116 5.34 -0.24 -14.68
CA ASP B 116 4.37 -1.11 -14.02
C ASP B 116 3.24 -0.33 -13.36
N GLU B 117 3.19 0.98 -13.54
CA GLU B 117 2.13 1.81 -12.94
C GLU B 117 1.96 1.67 -11.42
N LEU B 118 2.96 1.13 -10.72
CA LEU B 118 2.86 0.94 -9.27
C LEU B 118 2.77 2.25 -8.55
N HIS B 119 3.38 3.31 -9.06
CA HIS B 119 3.23 4.61 -8.40
C HIS B 119 1.75 5.07 -8.35
N HIS B 120 1.01 4.71 -9.38
CA HIS B 120 -0.33 5.16 -9.56
C HIS B 120 -1.18 4.34 -8.59
N ARG B 121 -0.88 3.07 -8.54
CA ARG B 121 -1.60 2.16 -7.68
C ARG B 121 -1.34 2.46 -6.21
N ALA B 122 -0.29 3.20 -5.93
CA ALA B 122 -0.05 3.62 -4.57
C ALA B 122 -0.77 4.91 -4.28
N GLY B 123 -1.25 5.58 -5.32
CA GLY B 123 -1.92 6.87 -5.19
C GLY B 123 -1.08 8.10 -5.50
N SER B 124 -0.01 7.94 -6.26
CA SER B 124 0.75 9.11 -6.63
C SER B 124 -0.02 9.70 -7.81
N LYS B 125 -0.03 11.03 -7.92
CA LYS B 125 -0.78 11.73 -8.95
C LYS B 125 0.13 12.38 -9.97
N HIS B 126 1.05 13.24 -9.54
CA HIS B 126 1.94 13.96 -10.44
C HIS B 126 3.13 13.07 -10.71
N VAL B 127 2.92 12.10 -11.58
CA VAL B 127 3.95 11.16 -12.00
C VAL B 127 4.30 11.36 -13.46
N TYR B 128 5.58 11.21 -13.79
CA TYR B 128 6.02 11.25 -15.17
C TYR B 128 6.63 9.89 -15.53
N GLU B 129 5.95 9.11 -16.37
CA GLU B 129 6.41 7.79 -16.78
C GLU B 129 7.18 7.96 -18.05
N ILE B 130 8.49 8.01 -17.91
CA ILE B 130 9.33 8.40 -19.02
C ILE B 130 9.68 7.24 -19.92
N HIS B 131 9.39 6.03 -19.50
CA HIS B 131 9.57 4.94 -20.42
C HIS B 131 8.22 4.46 -20.85
N GLY B 132 7.20 5.19 -20.43
CA GLY B 132 5.88 4.83 -20.80
C GLY B 132 5.33 3.89 -19.78
N SER B 133 4.43 3.02 -20.26
CA SER B 133 3.62 2.16 -19.40
C SER B 133 3.06 0.93 -20.11
N LEU B 134 3.08 -0.18 -19.39
CA LEU B 134 2.41 -1.39 -19.83
C LEU B 134 0.91 -1.22 -20.05
N PHE B 135 0.28 -0.24 -19.45
CA PHE B 135 -1.15 -0.17 -19.52
C PHE B 135 -1.53 1.04 -20.32
N LYS B 136 -0.70 1.28 -21.34
CA LYS B 136 -1.11 2.17 -22.44
C LYS B 136 -0.78 1.51 -23.75
N THR B 137 -1.58 1.85 -24.77
CA THR B 137 -1.35 1.40 -26.15
C THR B 137 -1.17 2.62 -27.07
N ARG B 138 -0.24 2.50 -28.03
CA ARG B 138 -0.13 3.49 -29.10
C ARG B 138 -0.55 2.83 -30.38
N CYS B 139 -1.28 3.56 -31.23
CA CYS B 139 -1.72 3.03 -32.52
C CYS B 139 -0.66 3.21 -33.56
N MET B 140 -0.37 2.14 -34.28
CA MET B 140 0.64 2.19 -35.32
C MET B 140 0.13 3.08 -36.47
N SER B 141 -1.17 3.08 -36.67
CA SER B 141 -1.76 3.81 -37.76
C SER B 141 -1.94 5.25 -37.41
N CYS B 142 -2.83 5.58 -36.46
CA CYS B 142 -3.11 6.99 -36.16
C CYS B 142 -2.26 7.56 -35.04
N GLY B 143 -1.45 6.74 -34.38
CA GLY B 143 -0.59 7.25 -33.28
C GLY B 143 -1.26 7.61 -31.95
N GLU B 144 -2.52 7.24 -31.76
CA GLU B 144 -3.25 7.61 -30.56
C GLU B 144 -2.81 6.81 -29.35
N VAL B 145 -2.63 7.51 -28.25
CA VAL B 145 -2.25 6.86 -27.01
C VAL B 145 -3.43 6.80 -26.08
N LYS B 146 -3.77 5.58 -25.66
CA LYS B 146 -4.95 5.38 -24.87
C LYS B 146 -4.61 4.46 -23.69
N ALA B 147 -5.16 4.81 -22.53
CA ALA B 147 -5.04 3.95 -21.37
C ALA B 147 -5.69 2.63 -21.70
N ASN B 148 -5.17 1.54 -21.15
CA ASN B 148 -5.82 0.26 -21.23
C ASN B 148 -5.34 -0.76 -20.18
N HIS B 149 -6.26 -1.23 -19.33
CA HIS B 149 -5.96 -2.25 -18.28
C HIS B 149 -6.80 -3.53 -18.44
N LYS B 150 -7.48 -3.65 -19.58
CA LYS B 150 -8.32 -4.79 -19.96
C LYS B 150 -7.63 -6.14 -19.68
N SER B 151 -8.36 -7.14 -19.20
CA SER B 151 -7.75 -8.44 -18.94
C SER B 151 -8.65 -9.57 -19.42
N PRO B 152 -8.27 -10.28 -20.49
CA PRO B 152 -7.08 -10.01 -21.28
C PRO B 152 -7.33 -8.81 -22.16
N ILE B 153 -6.24 -8.20 -22.60
CA ILE B 153 -6.29 -7.03 -23.46
C ILE B 153 -7.15 -7.26 -24.70
N CYS B 154 -7.13 -8.50 -25.20
CA CYS B 154 -7.96 -8.95 -26.29
C CYS B 154 -8.19 -10.46 -26.14
N PRO B 155 -9.36 -10.95 -26.61
CA PRO B 155 -9.72 -12.35 -26.46
C PRO B 155 -8.65 -13.31 -27.00
N ALA B 156 -8.23 -13.11 -28.25
CA ALA B 156 -7.18 -13.92 -28.89
C ALA B 156 -5.99 -14.33 -27.98
N LEU B 157 -5.69 -13.48 -27.00
CA LEU B 157 -4.55 -13.66 -26.11
C LEU B 157 -4.91 -14.32 -24.78
N ASP B 158 -6.18 -14.62 -24.58
CA ASP B 158 -6.63 -15.11 -23.26
C ASP B 158 -5.85 -16.35 -22.82
N GLY B 159 -5.27 -16.28 -21.63
CA GLY B 159 -4.46 -17.35 -21.12
C GLY B 159 -3.27 -17.63 -22.04
N LYS B 160 -2.77 -16.63 -22.76
CA LYS B 160 -1.55 -16.84 -23.52
C LYS B 160 -0.35 -16.26 -22.75
N GLY B 161 0.81 -16.23 -23.41
CA GLY B 161 2.01 -15.65 -22.84
C GLY B 161 2.67 -16.46 -21.74
N ALA B 162 2.29 -17.72 -21.58
CA ALA B 162 2.92 -18.55 -20.56
C ALA B 162 4.41 -18.45 -20.71
N PRO B 163 5.15 -18.41 -19.59
CA PRO B 163 6.59 -18.28 -19.62
C PRO B 163 7.42 -19.59 -19.64
N ASP B 164 6.78 -20.76 -19.59
CA ASP B 164 7.54 -22.01 -19.69
C ASP B 164 8.31 -22.08 -21.02
N PRO B 165 9.64 -22.40 -20.96
CA PRO B 165 10.48 -22.37 -22.17
C PRO B 165 9.94 -23.20 -23.35
N ASN B 166 9.21 -24.25 -23.05
CA ASN B 166 8.60 -25.08 -24.06
C ASN B 166 7.14 -24.77 -24.28
N THR B 167 6.72 -23.52 -24.08
CA THR B 167 5.33 -23.19 -24.37
C THR B 167 5.18 -23.04 -25.88
N LYS B 168 4.01 -23.34 -26.40
CA LYS B 168 3.82 -23.20 -27.83
C LYS B 168 3.52 -21.78 -28.14
N GLU B 169 4.19 -21.25 -29.16
CA GLU B 169 3.82 -19.95 -29.70
C GLU B 169 2.33 -19.90 -29.97
N ALA B 170 1.72 -18.76 -29.70
CA ALA B 170 0.30 -18.56 -29.98
C ALA B 170 0.11 -18.33 -31.47
N ARG B 171 1.07 -17.63 -32.07
CA ARG B 171 1.03 -17.30 -33.50
C ARG B 171 -0.34 -16.73 -33.89
N ILE B 172 -0.75 -15.69 -33.18
CA ILE B 172 -2.02 -15.04 -33.45
C ILE B 172 -1.94 -14.20 -34.72
N PRO B 173 -2.93 -14.35 -35.60
CA PRO B 173 -3.08 -13.43 -36.72
C PRO B 173 -3.05 -12.01 -36.27
N VAL B 174 -2.24 -11.19 -36.93
CA VAL B 174 -2.11 -9.77 -36.63
C VAL B 174 -3.45 -9.03 -36.63
N GLU B 175 -4.36 -9.43 -37.49
CA GLU B 175 -5.69 -8.87 -37.46
C GLU B 175 -6.36 -9.05 -36.09
N LEU B 176 -6.10 -10.17 -35.41
CA LEU B 176 -6.76 -10.50 -34.14
C LEU B 176 -6.07 -10.00 -32.86
N LEU B 177 -4.85 -9.50 -33.01
CA LEU B 177 -4.15 -8.79 -31.95
C LEU B 177 -4.91 -7.49 -31.67
N PRO B 178 -4.52 -6.77 -30.59
CA PRO B 178 -5.23 -5.55 -30.21
C PRO B 178 -5.25 -4.48 -31.30
N ARG B 179 -6.44 -3.99 -31.65
CA ARG B 179 -6.59 -2.98 -32.72
C ARG B 179 -7.24 -1.72 -32.22
N CYS B 180 -6.99 -0.63 -32.94
CA CYS B 180 -7.45 0.70 -32.60
C CYS B 180 -8.95 0.77 -32.74
N GLU B 181 -9.60 1.42 -31.79
CA GLU B 181 -11.04 1.31 -31.72
C GLU B 181 -11.78 2.46 -32.40
N ARG B 182 -11.06 3.35 -33.07
CA ARG B 182 -11.70 4.43 -33.79
C ARG B 182 -12.07 3.81 -35.11
N LYS B 183 -13.37 3.75 -35.41
CA LYS B 183 -13.89 2.91 -36.53
C LYS B 183 -13.16 3.21 -37.84
N SER B 184 -13.00 4.51 -38.12
CA SER B 184 -12.26 4.98 -39.29
C SER B 184 -10.84 4.42 -39.34
N CYS B 185 -10.30 4.01 -38.18
CA CYS B 185 -8.89 3.63 -38.09
C CYS B 185 -8.57 2.14 -38.15
N ASN B 186 -8.95 1.42 -37.10
CA ASN B 186 -8.56 0.02 -36.94
C ASN B 186 -7.04 -0.30 -37.03
N GLY B 187 -6.19 0.68 -36.72
CA GLY B 187 -4.76 0.44 -36.67
C GLY B 187 -4.38 -0.66 -35.70
N LEU B 188 -3.20 -1.25 -35.90
CA LEU B 188 -2.62 -2.21 -34.95
C LEU B 188 -2.01 -1.45 -33.79
N LEU B 189 -2.20 -1.97 -32.58
CA LEU B 189 -1.65 -1.35 -31.41
C LEU B 189 -0.36 -2.05 -30.99
N ARG B 190 0.51 -1.24 -30.42
CA ARG B 190 1.69 -1.70 -29.70
C ARG B 190 1.66 -1.12 -28.29
N PRO B 191 2.45 -1.72 -27.37
CA PRO B 191 2.53 -1.17 -26.04
C PRO B 191 3.19 0.17 -26.14
N HIS B 192 2.74 1.12 -25.32
CA HIS B 192 3.33 2.47 -25.25
C HIS B 192 4.44 2.43 -24.21
N VAL B 193 5.47 1.68 -24.58
CA VAL B 193 6.69 1.64 -23.82
C VAL B 193 7.74 2.16 -24.75
N VAL B 194 8.82 2.65 -24.14
CA VAL B 194 10.04 2.92 -24.86
C VAL B 194 10.88 1.64 -24.93
N TRP B 195 11.13 1.20 -26.15
CA TRP B 195 11.87 -0.03 -26.39
C TRP B 195 13.32 0.29 -26.44
N PHE B 196 14.15 -0.74 -26.56
CA PHE B 196 15.57 -0.56 -26.82
C PHE B 196 15.77 0.05 -28.19
N GLY B 197 16.71 1.00 -28.22
CA GLY B 197 16.93 1.82 -29.39
C GLY B 197 15.92 2.93 -29.64
N GLU B 198 15.02 3.23 -28.70
CA GLU B 198 14.07 4.32 -28.95
C GLU B 198 14.37 5.56 -28.11
N THR B 199 14.08 6.70 -28.70
CA THR B 199 14.31 7.95 -28.05
C THR B 199 13.12 8.23 -27.17
N LEU B 200 13.38 8.97 -26.12
CA LEU B 200 12.33 9.48 -25.27
C LEU B 200 11.50 10.55 -26.00
N ASP B 201 10.26 10.75 -25.48
CA ASP B 201 9.23 11.72 -25.96
C ASP B 201 9.66 13.11 -25.52
N SER B 202 9.77 14.06 -26.44
CA SER B 202 10.37 15.38 -26.10
C SER B 202 9.41 16.25 -25.31
N ASP B 203 8.11 16.12 -25.57
CA ASP B 203 7.08 16.75 -24.74
C ASP B 203 7.32 16.47 -23.25
N ILE B 204 7.46 15.18 -22.94
CA ILE B 204 7.70 14.74 -21.57
C ILE B 204 9.00 15.37 -21.05
N LEU B 205 10.10 15.18 -21.76
CA LEU B 205 11.38 15.73 -21.31
C LEU B 205 11.38 17.22 -21.05
N THR B 206 10.61 17.98 -21.84
CA THR B 206 10.58 19.43 -21.67
C THR B 206 9.83 19.76 -20.41
N ALA B 207 8.88 18.91 -20.04
CA ALA B 207 8.21 19.06 -18.76
C ALA B 207 9.13 18.78 -17.59
N VAL B 208 9.82 17.66 -17.70
CA VAL B 208 10.64 17.17 -16.61
C VAL B 208 11.71 18.21 -16.35
N GLU B 209 12.21 18.81 -17.44
CA GLU B 209 13.15 19.89 -17.33
C GLU B 209 12.53 21.01 -16.50
N ARG B 210 11.35 21.47 -16.91
CA ARG B 210 10.69 22.54 -16.18
C ARG B 210 10.63 22.22 -14.71
N GLU B 211 10.28 20.97 -14.41
CA GLU B 211 10.13 20.55 -13.04
C GLU B 211 11.44 20.53 -12.29
N LEU B 212 12.51 20.11 -12.95
CA LEU B 212 13.77 20.07 -12.25
C LEU B 212 14.38 21.45 -12.10
N GLU B 213 13.97 22.37 -12.97
CA GLU B 213 14.34 23.78 -12.85
C GLU B 213 13.80 24.31 -11.56
N LYS B 214 12.56 23.93 -11.25
CA LYS B 214 11.84 24.47 -10.10
C LYS B 214 12.21 23.79 -8.76
N CYS B 215 12.89 22.66 -8.77
CA CYS B 215 12.91 21.86 -7.57
C CYS B 215 14.01 22.35 -6.68
N ASP B 216 13.78 22.25 -5.37
CA ASP B 216 14.81 22.60 -4.41
C ASP B 216 15.28 21.41 -3.56
N LEU B 217 14.92 20.21 -3.99
CA LEU B 217 15.40 18.96 -3.39
C LEU B 217 15.11 17.82 -4.34
N CYS B 218 16.02 16.86 -4.43
CA CYS B 218 15.89 15.78 -5.38
C CYS B 218 16.24 14.46 -4.73
N LEU B 219 15.34 13.49 -4.82
CA LEU B 219 15.65 12.14 -4.36
C LEU B 219 15.82 11.18 -5.52
N VAL B 220 16.68 10.19 -5.32
CA VAL B 220 16.96 9.21 -6.32
C VAL B 220 16.76 7.92 -5.58
N VAL B 221 15.90 7.08 -6.11
CA VAL B 221 15.41 5.98 -5.37
C VAL B 221 15.42 4.74 -6.23
N GLY B 222 16.14 3.73 -5.77
CA GLY B 222 16.14 2.42 -6.43
C GLY B 222 16.98 2.45 -7.66
N THR B 223 17.96 3.34 -7.66
CA THR B 223 18.95 3.50 -8.73
C THR B 223 19.90 4.56 -8.22
N SER B 224 20.84 4.97 -9.05
CA SER B 224 21.94 5.83 -8.64
C SER B 224 22.00 7.03 -9.55
N SER B 225 22.36 8.18 -9.00
CA SER B 225 22.56 9.41 -9.78
C SER B 225 23.52 9.24 -10.93
N ILE B 226 24.39 8.24 -10.89
CA ILE B 226 25.51 8.16 -11.83
C ILE B 226 25.20 7.26 -13.01
N VAL B 227 24.09 6.52 -12.97
CA VAL B 227 23.76 5.56 -14.03
C VAL B 227 22.61 6.05 -14.90
N TYR B 228 22.65 5.69 -16.19
CA TYR B 228 21.64 6.09 -17.19
C TYR B 228 20.46 5.22 -16.89
N PRO B 229 19.26 5.79 -16.82
CA PRO B 229 18.94 7.14 -17.21
C PRO B 229 18.91 8.19 -16.05
N ALA B 230 18.92 7.76 -14.79
CA ALA B 230 18.97 8.70 -13.68
C ALA B 230 20.03 9.82 -13.89
N ALA B 231 21.15 9.47 -14.52
CA ALA B 231 22.24 10.42 -14.75
C ALA B 231 21.81 11.66 -15.49
N MET B 232 20.78 11.54 -16.32
CA MET B 232 20.27 12.68 -17.06
C MET B 232 19.72 13.82 -16.22
N PHE B 233 19.37 13.52 -14.98
CA PHE B 233 18.61 14.45 -14.20
C PHE B 233 19.38 14.94 -12.97
N ALA B 234 19.73 13.99 -12.11
CA ALA B 234 20.27 14.36 -10.81
C ALA B 234 21.53 15.26 -10.89
N PRO B 235 22.51 14.91 -11.74
CA PRO B 235 23.57 15.84 -12.07
C PRO B 235 23.12 17.28 -12.45
N GLN B 236 22.20 17.46 -13.39
CA GLN B 236 21.68 18.81 -13.75
C GLN B 236 21.25 19.61 -12.57
N VAL B 237 20.63 18.94 -11.62
CA VAL B 237 20.17 19.60 -10.43
C VAL B 237 21.28 19.82 -9.43
N ALA B 238 22.09 18.81 -9.22
CA ALA B 238 23.10 18.84 -8.15
C ALA B 238 24.11 19.94 -8.41
N SER B 239 24.50 20.01 -9.68
CA SER B 239 25.39 21.04 -10.15
C SER B 239 24.81 22.44 -9.93
N ARG B 240 23.47 22.59 -9.87
CA ARG B 240 22.85 23.87 -9.45
C ARG B 240 23.02 24.07 -7.96
N GLY B 241 23.60 23.09 -7.28
CA GLY B 241 23.74 23.15 -5.86
C GLY B 241 22.50 22.75 -5.07
N VAL B 242 21.56 22.02 -5.69
CA VAL B 242 20.42 21.50 -4.96
C VAL B 242 20.80 20.13 -4.36
N PRO B 243 20.39 19.87 -3.11
CA PRO B 243 20.77 18.59 -2.48
C PRO B 243 20.14 17.37 -3.15
N VAL B 244 20.89 16.28 -3.16
CA VAL B 244 20.43 15.07 -3.78
C VAL B 244 20.67 13.97 -2.79
N ALA B 245 19.69 13.08 -2.66
CA ALA B 245 19.69 12.03 -1.64
C ALA B 245 19.41 10.69 -2.27
N GLU B 246 20.33 9.75 -2.21
CA GLU B 246 20.07 8.48 -2.87
C GLU B 246 19.50 7.51 -1.87
N PHE B 247 18.61 6.63 -2.33
CA PHE B 247 18.13 5.52 -1.54
C PHE B 247 18.16 4.30 -2.42
N ASN B 248 19.16 3.45 -2.22
CA ASN B 248 19.28 2.26 -3.01
C ASN B 248 20.07 1.27 -2.19
N MET B 249 20.33 0.10 -2.74
CA MET B 249 21.13 -0.87 -2.04
C MET B 249 22.20 -1.40 -2.99
N GLU B 250 23.16 -0.53 -3.33
CA GLU B 250 24.10 -0.77 -4.44
C GLU B 250 25.62 -0.42 -4.25
N CYS B 251 25.98 0.11 -3.09
CA CYS B 251 27.38 0.30 -2.67
C CYS B 251 28.19 1.21 -3.60
N PHE B 258 25.87 10.42 -3.84
CA PHE B 258 26.14 11.86 -3.88
C PHE B 258 26.02 12.51 -2.48
N LYS B 259 25.56 13.75 -2.40
CA LYS B 259 25.52 14.50 -1.13
C LYS B 259 25.12 13.68 0.10
N TYR B 260 23.92 13.09 0.08
CA TYR B 260 23.55 12.01 1.04
C TYR B 260 23.28 10.69 0.35
N HIS B 261 23.38 9.62 1.11
CA HIS B 261 23.10 8.28 0.62
C HIS B 261 22.59 7.41 1.74
N PHE B 262 21.55 6.64 1.47
CA PHE B 262 20.96 5.81 2.50
C PHE B 262 20.83 4.37 2.00
N GLU B 263 21.83 3.56 2.38
CA GLU B 263 21.96 2.20 1.86
C GLU B 263 20.87 1.37 2.45
N GLY B 264 20.28 0.51 1.64
CA GLY B 264 19.21 -0.34 2.12
C GLY B 264 18.00 -0.33 1.22
N PRO B 265 17.12 -1.34 1.39
CA PRO B 265 15.88 -1.42 0.63
C PRO B 265 15.02 -0.21 0.90
N CYS B 266 14.60 0.42 -0.19
CA CYS B 266 13.77 1.61 -0.15
C CYS B 266 12.56 1.45 0.76
N GLY B 267 11.92 0.27 0.64
CA GLY B 267 10.85 -0.14 1.53
C GLY B 267 11.11 0.28 2.97
N SER B 268 12.34 0.10 3.46
CA SER B 268 12.72 0.38 4.85
C SER B 268 13.33 1.76 5.08
N THR B 269 14.20 2.19 4.17
CA THR B 269 14.93 3.42 4.37
C THR B 269 14.04 4.63 4.16
N LEU B 270 13.16 4.54 3.18
CA LEU B 270 12.49 5.72 2.71
C LEU B 270 11.37 6.24 3.61
N PRO B 271 10.47 5.36 4.03
CA PRO B 271 9.36 5.90 4.79
C PRO B 271 9.75 6.74 6.03
N PRO B 272 10.74 6.28 6.82
CA PRO B 272 11.20 7.10 7.93
C PRO B 272 11.67 8.42 7.44
N ALA B 273 12.38 8.42 6.32
CA ALA B 273 12.89 9.68 5.78
C ALA B 273 11.81 10.72 5.50
N LEU B 274 10.67 10.27 4.98
CA LEU B 274 9.61 11.16 4.51
C LEU B 274 8.52 11.46 5.54
N GLU B 275 8.50 10.71 6.63
CA GLU B 275 7.47 10.91 7.65
C GLU B 275 7.34 12.34 8.15
N GLY C 2 -23.77 -5.37 26.22
CA GLY C 2 -22.80 -5.01 25.14
C GLY C 2 -21.66 -5.96 25.37
N VAL C 3 -20.98 -6.23 24.29
CA VAL C 3 -19.91 -7.20 24.29
C VAL C 3 -18.64 -6.61 24.93
N LEU C 4 -18.24 -7.13 26.09
CA LEU C 4 -16.91 -6.81 26.62
C LEU C 4 -15.88 -7.26 25.57
N LYS C 5 -14.80 -6.48 25.42
CA LYS C 5 -13.81 -6.75 24.40
C LYS C 5 -12.88 -7.83 24.96
N GLU C 6 -12.47 -8.73 24.08
CA GLU C 6 -11.85 -10.01 24.45
C GLU C 6 -12.64 -10.89 25.46
N TYR C 7 -13.91 -10.56 25.58
CA TYR C 7 -14.86 -11.23 26.44
C TYR C 7 -14.59 -10.92 27.90
N GLY C 8 -14.10 -9.71 28.18
CA GLY C 8 -13.66 -9.34 29.54
C GLY C 8 -12.32 -9.95 29.97
N VAL C 9 -11.93 -11.06 29.34
CA VAL C 9 -10.94 -12.02 29.89
C VAL C 9 -9.71 -11.36 30.49
#